data_2XA0
#
_entry.id   2XA0
#
_cell.length_a   81.973
_cell.length_b   81.973
_cell.length_c   138.850
_cell.angle_alpha   90.00
_cell.angle_beta   90.00
_cell.angle_gamma   120.00
#
_symmetry.space_group_name_H-M   'P 31 2 1'
#
loop_
_entity.id
_entity.type
_entity.pdbx_description
1 polymer 'APOPTOSIS REGULATOR BCL-2'
2 polymer 'APOPTOSIS REGULATOR BAX'
3 water water
#
loop_
_entity_poly.entity_id
_entity_poly.type
_entity_poly.pdbx_seq_one_letter_code
_entity_poly.pdbx_strand_id
1 'polypeptide(L)'
;MAHAGRTGYDNREIVMKYIHYKLSQRGYEWDAGDVGAAPPGAAPAPGIFSSQPGHTPHPAASRDPVARTSPLQTPAAPGA
AAGPALSPVPPVVHLTLRQAGDDFSRRYRRDFAEMSSQLHLTPFTARGRFATVVEELFRDGVNWGRIVAFFEFGGVMCVE
SVNREMSPLVDNIALWMTEYLNRHLHTWIQDNGGWDAFVELYGPSMR
;
A,B
2 'polypeptide(L)' QDASTKKLSECLRRIGDELDSNMELQRMIAD C,D
#
# COMPACT_ATOMS: atom_id res chain seq x y z
N ASP A 10 -9.47 -26.28 2.29
CA ASP A 10 -9.37 -26.34 3.78
C ASP A 10 -9.15 -24.95 4.42
N ASN A 11 -8.01 -24.32 4.13
CA ASN A 11 -7.69 -23.01 4.67
C ASN A 11 -8.57 -22.04 3.91
N ARG A 12 -8.98 -22.51 2.74
CA ARG A 12 -9.81 -21.78 1.83
C ARG A 12 -11.26 -21.80 2.33
N GLU A 13 -11.58 -22.84 3.09
CA GLU A 13 -12.90 -22.99 3.66
C GLU A 13 -12.99 -22.02 4.84
N ILE A 14 -11.91 -21.95 5.61
CA ILE A 14 -11.80 -21.03 6.72
C ILE A 14 -12.07 -19.62 6.15
N VAL A 15 -11.44 -19.30 5.03
CA VAL A 15 -11.64 -18.00 4.39
C VAL A 15 -13.10 -17.82 3.95
N MET A 16 -13.68 -18.85 3.34
CA MET A 16 -15.05 -18.82 2.87
C MET A 16 -16.05 -18.49 3.96
N LYS A 17 -15.99 -19.29 5.03
CA LYS A 17 -16.89 -19.14 6.16
C LYS A 17 -16.75 -17.84 6.91
N TYR A 18 -15.56 -17.24 6.86
CA TYR A 18 -15.36 -15.97 7.53
C TYR A 18 -15.95 -14.87 6.68
N ILE A 19 -15.75 -14.99 5.36
CA ILE A 19 -16.27 -14.02 4.43
C ILE A 19 -17.79 -14.14 4.49
N HIS A 20 -18.28 -15.37 4.37
CA HIS A 20 -19.72 -15.53 4.43
C HIS A 20 -20.23 -14.90 5.72
N TYR A 21 -19.62 -15.28 6.84
CA TYR A 21 -20.00 -14.76 8.14
C TYR A 21 -20.01 -13.23 8.21
N LYS A 22 -18.95 -12.59 7.75
CA LYS A 22 -18.89 -11.14 7.81
C LYS A 22 -19.97 -10.49 6.95
N LEU A 23 -20.15 -11.03 5.75
CA LEU A 23 -21.12 -10.52 4.81
C LEU A 23 -22.53 -10.58 5.39
N SER A 24 -22.83 -11.66 6.10
CA SER A 24 -24.13 -11.86 6.73
C SER A 24 -24.35 -10.75 7.76
N GLN A 25 -23.28 -10.49 8.50
CA GLN A 25 -23.21 -9.49 9.56
C GLN A 25 -23.59 -8.08 9.14
N ARG A 26 -23.85 -7.88 7.86
CA ARG A 26 -24.24 -6.57 7.35
C ARG A 26 -25.45 -6.75 6.45
N GLY A 27 -26.02 -7.95 6.52
CA GLY A 27 -27.20 -8.29 5.75
C GLY A 27 -27.01 -8.62 4.27
N TYR A 28 -25.85 -9.15 3.93
CA TYR A 28 -25.53 -9.50 2.55
C TYR A 28 -25.33 -11.00 2.41
N GLU A 29 -25.96 -11.63 1.42
CA GLU A 29 -25.73 -13.05 1.26
C GLU A 29 -24.66 -13.25 0.20
N TRP A 30 -24.13 -14.47 0.12
CA TRP A 30 -23.09 -14.76 -0.83
C TRP A 30 -22.92 -16.27 -0.87
N ASP A 31 -22.71 -16.83 -2.07
CA ASP A 31 -22.55 -18.27 -2.20
C ASP A 31 -21.09 -18.62 -2.48
N VAL A 92 -15.73 -24.85 14.16
CA VAL A 92 -15.05 -24.74 15.45
C VAL A 92 -13.97 -23.70 15.36
N VAL A 93 -13.22 -23.76 14.25
CA VAL A 93 -12.14 -22.83 13.94
C VAL A 93 -12.93 -21.61 13.44
N HIS A 94 -14.12 -21.93 12.90
CA HIS A 94 -15.05 -20.96 12.36
C HIS A 94 -15.67 -20.15 13.50
N LEU A 95 -16.18 -20.83 14.52
CA LEU A 95 -16.79 -20.17 15.67
C LEU A 95 -15.74 -19.35 16.44
N THR A 96 -14.61 -19.98 16.74
CA THR A 96 -13.55 -19.30 17.46
C THR A 96 -13.16 -18.05 16.68
N LEU A 97 -13.03 -18.21 15.36
CA LEU A 97 -12.63 -17.13 14.49
C LEU A 97 -13.71 -16.06 14.30
N ARG A 98 -14.97 -16.42 14.53
CA ARG A 98 -16.04 -15.43 14.41
C ARG A 98 -15.94 -14.57 15.65
N GLN A 99 -15.53 -15.23 16.73
CA GLN A 99 -15.38 -14.62 18.05
C GLN A 99 -14.22 -13.62 18.10
N ALA A 100 -13.04 -14.09 17.74
CA ALA A 100 -11.86 -13.23 17.74
C ALA A 100 -12.05 -11.99 16.86
N GLY A 101 -12.68 -12.18 15.71
CA GLY A 101 -12.89 -11.07 14.80
C GLY A 101 -13.84 -10.02 15.36
N ASP A 102 -14.88 -10.45 16.05
CA ASP A 102 -15.81 -9.49 16.61
C ASP A 102 -15.09 -8.83 17.78
N ASP A 103 -14.23 -9.60 18.43
CA ASP A 103 -13.44 -9.11 19.56
C ASP A 103 -12.54 -7.97 19.01
N PHE A 104 -11.86 -8.28 17.92
CA PHE A 104 -10.98 -7.35 17.22
C PHE A 104 -11.86 -6.13 16.85
N SER A 105 -12.94 -6.42 16.13
CA SER A 105 -13.91 -5.42 15.70
C SER A 105 -14.09 -4.35 16.79
N ARG A 106 -14.55 -4.79 17.97
CA ARG A 106 -14.75 -3.93 19.14
C ARG A 106 -13.57 -3.05 19.46
N ARG A 107 -12.40 -3.67 19.61
CA ARG A 107 -11.21 -2.93 19.92
C ARG A 107 -10.89 -1.94 18.81
N TYR A 108 -11.01 -2.37 17.54
CA TYR A 108 -10.68 -1.47 16.42
C TYR A 108 -11.57 -0.24 16.39
N ARG A 109 -12.88 -0.44 16.55
CA ARG A 109 -13.85 0.65 16.53
C ARG A 109 -13.80 1.51 17.76
N ARG A 110 -12.95 1.13 18.69
CA ARG A 110 -12.82 1.88 19.92
C ARG A 110 -11.92 3.09 19.66
N ASP A 111 -10.71 2.84 19.18
CA ASP A 111 -9.78 3.93 18.90
C ASP A 111 -9.95 4.58 17.53
N PHE A 112 -10.45 3.84 16.56
CA PHE A 112 -10.65 4.38 15.23
C PHE A 112 -12.06 4.20 14.75
N ALA A 113 -12.32 4.70 13.56
CA ALA A 113 -13.64 4.60 12.95
C ALA A 113 -13.62 3.39 12.06
N GLU A 114 -14.77 2.77 11.84
CA GLU A 114 -14.84 1.61 10.96
C GLU A 114 -13.83 1.82 9.81
N MET A 115 -13.06 0.79 9.53
CA MET A 115 -12.04 0.88 8.52
C MET A 115 -12.53 1.03 7.08
N SER A 116 -13.85 0.97 6.89
CA SER A 116 -14.43 1.14 5.55
C SER A 116 -14.14 2.55 5.04
N SER A 117 -13.94 3.47 5.98
CA SER A 117 -13.64 4.87 5.66
C SER A 117 -12.19 5.03 5.21
N GLN A 118 -11.32 4.12 5.65
CA GLN A 118 -9.91 4.18 5.29
C GLN A 118 -9.64 3.45 4.00
N LEU A 119 -10.67 2.76 3.52
CA LEU A 119 -10.59 2.00 2.29
C LEU A 119 -11.09 2.81 1.13
N HIS A 120 -10.22 2.95 0.15
CA HIS A 120 -10.54 3.62 -1.09
C HIS A 120 -10.35 2.46 -2.03
N LEU A 121 -11.41 2.00 -2.67
CA LEU A 121 -11.30 0.84 -3.53
C LEU A 121 -11.77 1.10 -4.93
N THR A 122 -11.17 0.40 -5.87
CA THR A 122 -11.54 0.48 -7.28
C THR A 122 -11.22 -0.91 -7.78
N PRO A 123 -11.96 -1.37 -8.79
CA PRO A 123 -11.78 -2.71 -9.38
C PRO A 123 -10.34 -3.14 -9.62
N PHE A 124 -9.56 -2.27 -10.25
CA PHE A 124 -8.19 -2.59 -10.61
C PHE A 124 -7.12 -2.05 -9.68
N THR A 125 -7.52 -1.70 -8.48
CA THR A 125 -6.59 -1.18 -7.53
C THR A 125 -6.64 -1.97 -6.23
N ALA A 126 -7.72 -2.73 -6.04
CA ALA A 126 -7.93 -3.50 -4.83
C ALA A 126 -6.90 -4.59 -4.50
N ARG A 127 -6.54 -5.42 -5.48
CA ARG A 127 -5.57 -6.49 -5.22
C ARG A 127 -4.24 -5.90 -4.70
N GLY A 128 -3.73 -4.89 -5.40
CA GLY A 128 -2.49 -4.26 -4.98
C GLY A 128 -2.61 -3.66 -3.60
N ARG A 129 -3.69 -2.93 -3.35
CA ARG A 129 -3.97 -2.31 -2.05
C ARG A 129 -3.98 -3.37 -0.98
N PHE A 130 -4.78 -4.40 -1.21
CA PHE A 130 -4.87 -5.50 -0.29
C PHE A 130 -3.46 -6.03 0.03
N ALA A 131 -2.69 -6.33 -1.04
CA ALA A 131 -1.33 -6.84 -0.90
C ALA A 131 -0.46 -5.92 -0.07
N THR A 132 -0.39 -4.66 -0.47
CA THR A 132 0.41 -3.68 0.24
C THR A 132 0.14 -3.74 1.74
N VAL A 133 -1.10 -3.50 2.14
CA VAL A 133 -1.47 -3.53 3.55
C VAL A 133 -1.07 -4.83 4.25
N VAL A 134 -1.52 -5.96 3.69
CA VAL A 134 -1.27 -7.28 4.26
C VAL A 134 0.21 -7.57 4.48
N GLU A 135 1.07 -7.04 3.63
CA GLU A 135 2.49 -7.26 3.78
C GLU A 135 3.05 -6.35 4.89
N GLU A 136 2.46 -5.16 5.06
CA GLU A 136 2.89 -4.23 6.09
C GLU A 136 2.52 -4.77 7.47
N LEU A 137 1.55 -5.68 7.48
CA LEU A 137 1.10 -6.29 8.70
C LEU A 137 2.15 -7.25 9.25
N PHE A 138 2.43 -8.30 8.47
CA PHE A 138 3.39 -9.34 8.84
C PHE A 138 4.84 -8.98 8.43
N ARG A 139 5.05 -7.73 7.98
CA ARG A 139 6.37 -7.33 7.55
C ARG A 139 7.49 -7.68 8.52
N ASP A 140 7.15 -7.73 9.79
CA ASP A 140 8.17 -8.02 10.79
C ASP A 140 7.86 -9.17 11.73
N GLY A 141 6.74 -9.85 11.52
CA GLY A 141 6.39 -10.97 12.38
C GLY A 141 4.95 -11.40 12.27
N VAL A 142 4.67 -12.58 12.80
CA VAL A 142 3.33 -13.12 12.80
C VAL A 142 2.92 -13.55 14.20
N ASN A 143 1.67 -13.27 14.55
CA ASN A 143 1.09 -13.68 15.82
C ASN A 143 -0.41 -13.83 15.50
N TRP A 144 -1.11 -14.65 16.25
CA TRP A 144 -2.51 -14.90 15.97
C TRP A 144 -3.32 -13.63 15.91
N GLY A 145 -2.96 -12.66 16.75
CA GLY A 145 -3.68 -11.40 16.74
C GLY A 145 -3.61 -10.80 15.35
N ARG A 146 -2.40 -10.69 14.82
CA ARG A 146 -2.18 -10.15 13.48
C ARG A 146 -2.95 -10.96 12.41
N ILE A 147 -3.21 -12.23 12.65
CA ILE A 147 -3.95 -13.07 11.68
C ILE A 147 -5.46 -12.85 11.73
N VAL A 148 -5.98 -12.59 12.92
CA VAL A 148 -7.40 -12.31 13.04
C VAL A 148 -7.62 -10.98 12.34
N ALA A 149 -6.59 -10.12 12.42
CA ALA A 149 -6.62 -8.81 11.79
C ALA A 149 -6.64 -9.03 10.29
N PHE A 150 -5.82 -9.96 9.84
CA PHE A 150 -5.72 -10.31 8.42
C PHE A 150 -7.14 -10.66 7.98
N PHE A 151 -7.84 -11.45 8.79
CA PHE A 151 -9.20 -11.86 8.48
C PHE A 151 -10.18 -10.70 8.43
N GLU A 152 -10.18 -9.88 9.49
CA GLU A 152 -11.06 -8.71 9.56
C GLU A 152 -10.86 -7.83 8.33
N PHE A 153 -9.60 -7.62 7.97
CA PHE A 153 -9.27 -6.78 6.83
C PHE A 153 -9.95 -7.30 5.55
N GLY A 154 -9.74 -8.57 5.24
CA GLY A 154 -10.32 -9.14 4.04
C GLY A 154 -11.83 -9.00 4.01
N GLY A 155 -12.45 -9.31 5.13
CA GLY A 155 -13.90 -9.26 5.19
C GLY A 155 -14.42 -7.85 5.02
N VAL A 156 -13.74 -6.88 5.59
CA VAL A 156 -14.13 -5.49 5.49
C VAL A 156 -14.02 -5.09 4.02
N MET A 157 -13.05 -5.66 3.30
CA MET A 157 -12.91 -5.35 1.87
C MET A 157 -14.07 -5.93 1.09
N CYS A 158 -14.56 -7.09 1.52
CA CYS A 158 -15.68 -7.73 0.86
C CYS A 158 -16.96 -6.96 1.14
N VAL A 159 -17.12 -6.45 2.36
CA VAL A 159 -18.34 -5.70 2.69
C VAL A 159 -18.31 -4.36 1.97
N GLU A 160 -17.15 -3.72 1.94
CA GLU A 160 -17.00 -2.45 1.25
C GLU A 160 -17.33 -2.66 -0.23
N SER A 161 -16.82 -3.77 -0.78
CA SER A 161 -17.03 -4.17 -2.18
C SER A 161 -18.49 -4.12 -2.52
N VAL A 162 -19.26 -4.94 -1.82
CA VAL A 162 -20.68 -5.01 -2.04
C VAL A 162 -21.33 -3.63 -1.94
N ASN A 163 -20.92 -2.87 -0.94
CA ASN A 163 -21.48 -1.56 -0.69
C ASN A 163 -21.15 -0.54 -1.71
N ARG A 164 -20.03 -0.79 -2.37
CA ARG A 164 -19.57 0.10 -3.40
C ARG A 164 -19.91 -0.40 -4.79
N GLU A 165 -20.79 -1.39 -4.85
CA GLU A 165 -21.25 -1.98 -6.10
C GLU A 165 -20.13 -2.63 -6.89
N MET A 166 -19.50 -3.61 -6.23
CA MET A 166 -18.40 -4.37 -6.80
C MET A 166 -18.43 -5.78 -6.21
N SER A 167 -19.64 -6.28 -5.95
CA SER A 167 -19.85 -7.62 -5.40
C SER A 167 -18.96 -8.72 -5.99
N PRO A 168 -18.76 -8.73 -7.32
CA PRO A 168 -17.92 -9.76 -7.94
C PRO A 168 -16.57 -9.96 -7.24
N LEU A 169 -15.93 -8.86 -6.88
CA LEU A 169 -14.64 -8.85 -6.18
C LEU A 169 -14.54 -9.79 -4.98
N VAL A 170 -15.62 -9.86 -4.21
CA VAL A 170 -15.67 -10.71 -3.02
C VAL A 170 -14.99 -12.04 -3.32
N ASP A 171 -15.45 -12.71 -4.37
CA ASP A 171 -14.91 -13.98 -4.79
C ASP A 171 -13.39 -13.92 -5.05
N ASN A 172 -12.92 -12.78 -5.55
CA ASN A 172 -11.52 -12.60 -5.81
C ASN A 172 -10.79 -12.41 -4.49
N ILE A 173 -11.31 -11.51 -3.65
CA ILE A 173 -10.70 -11.21 -2.36
C ILE A 173 -10.48 -12.47 -1.57
N ALA A 174 -11.46 -13.38 -1.62
CA ALA A 174 -11.34 -14.62 -0.87
C ALA A 174 -10.20 -15.44 -1.44
N LEU A 175 -10.06 -15.45 -2.75
CA LEU A 175 -8.99 -16.23 -3.33
C LEU A 175 -7.67 -15.63 -2.88
N TRP A 176 -7.54 -14.32 -2.98
CA TRP A 176 -6.33 -13.65 -2.56
C TRP A 176 -5.95 -14.06 -1.15
N MET A 177 -6.95 -14.07 -0.27
CA MET A 177 -6.71 -14.45 1.12
C MET A 177 -6.23 -15.88 1.19
N THR A 178 -7.01 -16.77 0.58
CA THR A 178 -6.68 -18.19 0.57
C THR A 178 -5.24 -18.38 0.14
N GLU A 179 -4.87 -17.78 -1.00
CA GLU A 179 -3.50 -17.87 -1.48
C GLU A 179 -2.55 -17.35 -0.43
N TYR A 180 -2.75 -16.10 -0.01
CA TYR A 180 -1.86 -15.56 0.98
C TYR A 180 -1.69 -16.48 2.20
N LEU A 181 -2.77 -17.15 2.60
CA LEU A 181 -2.70 -18.03 3.74
C LEU A 181 -1.82 -19.22 3.48
N ASN A 182 -2.12 -19.95 2.42
CA ASN A 182 -1.33 -21.13 2.10
C ASN A 182 0.08 -20.81 1.62
N ARG A 183 0.25 -19.67 1.00
CA ARG A 183 1.57 -19.31 0.51
C ARG A 183 2.45 -18.70 1.57
N HIS A 184 2.02 -17.58 2.16
CA HIS A 184 2.87 -16.90 3.13
C HIS A 184 2.68 -17.07 4.64
N LEU A 185 1.66 -17.80 5.09
CA LEU A 185 1.47 -17.97 6.54
C LEU A 185 1.47 -19.42 7.00
N HIS A 186 1.19 -20.32 6.07
CA HIS A 186 1.14 -21.74 6.38
C HIS A 186 2.31 -22.27 7.20
N THR A 187 3.50 -21.72 6.96
CA THR A 187 4.66 -22.19 7.70
C THR A 187 4.54 -21.80 9.17
N TRP A 188 4.28 -20.54 9.43
CA TRP A 188 4.16 -20.07 10.79
C TRP A 188 3.10 -20.89 11.52
N ILE A 189 1.96 -21.09 10.87
CA ILE A 189 0.86 -21.83 11.45
C ILE A 189 1.31 -23.19 11.99
N GLN A 190 1.88 -24.01 11.12
CA GLN A 190 2.37 -25.33 11.49
C GLN A 190 3.42 -25.22 12.59
N ASP A 191 4.47 -24.46 12.30
CA ASP A 191 5.54 -24.26 13.25
C ASP A 191 5.02 -23.83 14.61
N ASN A 192 3.91 -23.09 14.61
CA ASN A 192 3.34 -22.57 15.85
C ASN A 192 2.12 -23.28 16.42
N GLY A 193 1.96 -24.56 16.14
CA GLY A 193 0.85 -25.28 16.71
C GLY A 193 -0.36 -25.52 15.82
N GLY A 194 -0.38 -24.95 14.62
CA GLY A 194 -1.51 -25.15 13.73
C GLY A 194 -2.77 -24.44 14.18
N TRP A 195 -3.92 -24.81 13.62
CA TRP A 195 -5.17 -24.16 13.98
C TRP A 195 -5.71 -24.54 15.35
N ASP A 196 -5.55 -25.81 15.73
CA ASP A 196 -6.03 -26.25 17.04
C ASP A 196 -5.33 -25.45 18.12
N ALA A 197 -4.09 -25.05 17.85
CA ALA A 197 -3.34 -24.25 18.80
C ALA A 197 -4.16 -22.99 19.08
N PHE A 198 -4.54 -22.32 18.00
CA PHE A 198 -5.34 -21.09 18.07
C PHE A 198 -6.67 -21.33 18.77
N VAL A 199 -7.37 -22.37 18.34
CA VAL A 199 -8.66 -22.71 18.93
C VAL A 199 -8.54 -22.91 20.43
N GLU A 200 -7.34 -23.23 20.88
CA GLU A 200 -7.08 -23.47 22.29
C GLU A 200 -6.62 -22.22 23.01
N LEU A 201 -5.87 -21.37 22.30
CA LEU A 201 -5.41 -20.12 22.89
C LEU A 201 -6.69 -19.33 23.11
N TYR A 202 -7.41 -19.06 22.03
CA TYR A 202 -8.63 -18.27 22.13
C TYR A 202 -9.73 -18.87 22.96
N GLY A 203 -9.69 -20.18 23.18
CA GLY A 203 -10.72 -20.85 23.96
C GLY A 203 -11.25 -19.99 25.11
N PRO A 204 -10.39 -19.67 26.10
CA PRO A 204 -10.72 -18.86 27.28
C PRO A 204 -11.16 -17.38 27.09
N SER A 205 -11.37 -16.95 25.85
CA SER A 205 -11.79 -15.58 25.58
C SER A 205 -13.23 -15.56 25.12
N MET A 206 -13.84 -16.73 25.02
CA MET A 206 -15.22 -16.81 24.60
C MET A 206 -16.11 -16.90 25.82
N ASP B 10 0.27 17.41 -22.95
CA ASP B 10 1.33 18.19 -22.25
C ASP B 10 1.84 17.39 -21.04
N ASN B 11 1.01 17.33 -20.01
CA ASN B 11 1.34 16.62 -18.79
C ASN B 11 1.74 15.17 -19.04
N ARG B 12 1.32 14.62 -20.17
CA ARG B 12 1.64 13.24 -20.50
C ARG B 12 3.03 13.13 -21.16
N GLU B 13 3.45 14.19 -21.83
CA GLU B 13 4.75 14.21 -22.51
C GLU B 13 5.83 14.28 -21.46
N ILE B 14 5.50 14.93 -20.35
CA ILE B 14 6.41 15.07 -19.24
C ILE B 14 6.65 13.69 -18.67
N VAL B 15 5.55 13.00 -18.38
CA VAL B 15 5.62 11.65 -17.84
C VAL B 15 6.33 10.73 -18.81
N MET B 16 6.08 10.93 -20.09
CA MET B 16 6.68 10.10 -21.14
C MET B 16 8.19 10.21 -21.19
N LYS B 17 8.67 11.44 -21.40
CA LYS B 17 10.09 11.67 -21.49
C LYS B 17 10.83 11.33 -20.21
N TYR B 18 10.14 11.40 -19.07
CA TYR B 18 10.83 11.09 -17.83
C TYR B 18 11.01 9.59 -17.70
N ILE B 19 10.10 8.84 -18.31
CA ILE B 19 10.17 7.38 -18.27
C ILE B 19 11.12 6.85 -19.33
N HIS B 20 11.09 7.44 -20.50
CA HIS B 20 11.97 7.00 -21.55
C HIS B 20 13.40 7.26 -21.08
N TYR B 21 13.59 8.31 -20.29
CA TYR B 21 14.92 8.65 -19.78
C TYR B 21 15.41 7.64 -18.73
N LYS B 22 14.60 7.40 -17.72
CA LYS B 22 14.99 6.46 -16.69
C LYS B 22 15.35 5.12 -17.31
N LEU B 23 14.59 4.69 -18.30
CA LEU B 23 14.91 3.41 -18.92
C LEU B 23 16.22 3.49 -19.69
N SER B 24 16.55 4.67 -20.20
CA SER B 24 17.79 4.87 -20.94
C SER B 24 18.95 4.56 -20.03
N GLN B 25 18.95 5.23 -18.88
CA GLN B 25 19.99 5.03 -17.88
C GLN B 25 20.19 3.56 -17.58
N ARG B 26 19.23 2.73 -17.97
CA ARG B 26 19.33 1.31 -17.70
C ARG B 26 19.65 0.55 -18.99
N GLY B 27 19.61 1.27 -20.11
CA GLY B 27 19.90 0.66 -21.40
C GLY B 27 18.69 -0.05 -22.01
N TYR B 28 17.51 0.24 -21.46
CA TYR B 28 16.28 -0.36 -21.96
C TYR B 28 15.61 0.67 -22.86
N GLU B 29 15.24 0.25 -24.06
CA GLU B 29 14.58 1.13 -25.03
C GLU B 29 13.08 1.10 -24.78
N TRP B 30 12.36 2.11 -25.24
CA TRP B 30 10.92 2.12 -25.02
C TRP B 30 10.13 2.78 -26.13
N ASP B 31 9.15 2.07 -26.66
CA ASP B 31 8.31 2.61 -27.74
C ASP B 31 7.09 3.34 -27.18
N VAL B 92 13.05 21.28 -21.79
CA VAL B 92 13.41 22.19 -20.70
C VAL B 92 12.81 21.79 -19.37
N VAL B 93 11.49 21.61 -19.34
CA VAL B 93 10.80 21.21 -18.12
C VAL B 93 11.28 19.79 -17.86
N HIS B 94 11.69 19.15 -18.94
CA HIS B 94 12.18 17.78 -18.89
C HIS B 94 13.50 17.71 -18.15
N LEU B 95 14.52 18.37 -18.71
CA LEU B 95 15.85 18.40 -18.12
C LEU B 95 15.79 18.69 -16.63
N THR B 96 15.16 19.81 -16.27
CA THR B 96 15.04 20.19 -14.86
C THR B 96 14.50 19.01 -14.05
N LEU B 97 13.38 18.47 -14.51
CA LEU B 97 12.71 17.36 -13.85
C LEU B 97 13.64 16.19 -13.64
N ARG B 98 14.42 15.85 -14.65
CA ARG B 98 15.30 14.72 -14.48
C ARG B 98 16.58 15.01 -13.74
N GLN B 99 16.88 16.28 -13.49
CA GLN B 99 18.08 16.58 -12.74
C GLN B 99 17.66 16.44 -11.29
N ALA B 100 16.43 16.86 -11.00
CA ALA B 100 15.88 16.77 -9.67
C ALA B 100 15.70 15.31 -9.29
N GLY B 101 15.29 14.51 -10.27
CA GLY B 101 15.09 13.08 -10.05
C GLY B 101 16.40 12.42 -9.71
N ASP B 102 17.43 12.75 -10.48
CA ASP B 102 18.74 12.19 -10.20
C ASP B 102 19.18 12.64 -8.82
N ASP B 103 18.85 13.88 -8.47
CA ASP B 103 19.23 14.36 -7.14
C ASP B 103 18.42 13.62 -6.09
N PHE B 104 17.09 13.59 -6.26
CA PHE B 104 16.23 12.90 -5.31
C PHE B 104 16.73 11.46 -5.09
N SER B 105 17.07 10.80 -6.18
CA SER B 105 17.55 9.43 -6.12
C SER B 105 18.85 9.30 -5.33
N ARG B 106 19.75 10.25 -5.52
CA ARG B 106 21.01 10.22 -4.78
C ARG B 106 20.69 10.30 -3.29
N ARG B 107 19.82 11.24 -2.93
CA ARG B 107 19.43 11.44 -1.54
C ARG B 107 18.73 10.20 -0.97
N TYR B 108 17.82 9.62 -1.75
CA TYR B 108 17.07 8.45 -1.32
C TYR B 108 17.98 7.26 -1.05
N ARG B 109 18.77 6.86 -2.04
CA ARG B 109 19.65 5.72 -1.81
C ARG B 109 20.87 6.06 -0.97
N ARG B 110 20.75 7.11 -0.16
CA ARG B 110 21.80 7.51 0.75
C ARG B 110 21.36 7.00 2.11
N ASP B 111 20.09 7.20 2.45
CA ASP B 111 19.55 6.75 3.72
C ASP B 111 19.02 5.33 3.58
N PHE B 112 18.33 5.06 2.48
CA PHE B 112 17.75 3.73 2.25
C PHE B 112 18.38 3.06 1.05
N ALA B 113 18.21 1.75 0.94
CA ALA B 113 18.78 1.01 -0.18
C ALA B 113 17.96 1.36 -1.42
N GLU B 114 18.42 0.96 -2.59
CA GLU B 114 17.68 1.25 -3.79
C GLU B 114 16.23 0.83 -3.63
N MET B 115 15.35 1.70 -4.10
CA MET B 115 13.90 1.54 -4.04
C MET B 115 13.33 0.20 -4.49
N SER B 116 13.92 -0.38 -5.53
CA SER B 116 13.46 -1.66 -6.08
C SER B 116 13.35 -2.80 -5.08
N SER B 117 13.99 -2.64 -3.93
CA SER B 117 13.98 -3.66 -2.90
C SER B 117 12.66 -3.63 -2.16
N GLN B 118 12.17 -2.43 -1.87
CA GLN B 118 10.91 -2.28 -1.16
C GLN B 118 9.76 -2.54 -2.09
N LEU B 119 10.10 -2.69 -3.36
CA LEU B 119 9.13 -2.92 -4.39
C LEU B 119 8.95 -4.39 -4.69
N HIS B 120 7.70 -4.83 -4.69
CA HIS B 120 7.36 -6.19 -5.03
C HIS B 120 6.30 -5.95 -6.06
N LEU B 121 6.50 -6.48 -7.26
CA LEU B 121 5.53 -6.28 -8.33
C LEU B 121 5.01 -7.59 -8.87
N THR B 122 3.77 -7.54 -9.33
CA THR B 122 3.12 -8.67 -9.96
C THR B 122 2.18 -7.82 -10.77
N PRO B 123 1.96 -8.17 -12.03
CA PRO B 123 1.09 -7.40 -12.92
C PRO B 123 -0.30 -7.04 -12.41
N PHE B 124 -0.91 -7.91 -11.61
CA PHE B 124 -2.25 -7.64 -11.13
C PHE B 124 -2.24 -6.96 -9.78
N THR B 125 -1.03 -6.62 -9.35
CA THR B 125 -0.84 -6.01 -8.07
C THR B 125 -0.19 -4.65 -8.21
N ALA B 126 0.49 -4.44 -9.33
CA ALA B 126 1.19 -3.18 -9.57
C ALA B 126 0.37 -1.92 -9.32
N ARG B 127 -0.72 -1.74 -10.07
CA ARG B 127 -1.56 -0.57 -9.93
C ARG B 127 -2.05 -0.34 -8.51
N GLY B 128 -2.34 -1.41 -7.79
CA GLY B 128 -2.80 -1.26 -6.42
C GLY B 128 -1.71 -0.68 -5.53
N ARG B 129 -0.47 -1.19 -5.67
CA ARG B 129 0.69 -0.74 -4.91
C ARG B 129 1.05 0.68 -5.29
N PHE B 130 1.07 0.94 -6.59
CA PHE B 130 1.35 2.27 -7.07
C PHE B 130 0.40 3.27 -6.40
N ALA B 131 -0.91 3.03 -6.50
CA ALA B 131 -1.87 3.95 -5.91
C ALA B 131 -1.72 4.08 -4.40
N THR B 132 -1.63 2.94 -3.71
CA THR B 132 -1.50 2.97 -2.25
C THR B 132 -0.34 3.85 -1.83
N VAL B 133 0.80 3.67 -2.48
CA VAL B 133 1.97 4.46 -2.16
C VAL B 133 1.72 5.92 -2.46
N VAL B 134 1.44 6.26 -3.71
CA VAL B 134 1.21 7.65 -4.10
C VAL B 134 0.18 8.38 -3.25
N GLU B 135 -0.88 7.69 -2.86
CA GLU B 135 -1.91 8.33 -2.03
C GLU B 135 -1.28 8.75 -0.73
N GLU B 136 -0.44 7.89 -0.18
CA GLU B 136 0.21 8.19 1.08
C GLU B 136 1.20 9.33 0.91
N LEU B 137 1.88 9.37 -0.23
CA LEU B 137 2.85 10.42 -0.49
C LEU B 137 2.22 11.79 -0.23
N PHE B 138 1.10 12.03 -0.89
CA PHE B 138 0.41 13.31 -0.76
C PHE B 138 -0.76 13.36 0.23
N ARG B 139 -0.84 12.46 1.21
CA ARG B 139 -1.99 12.50 2.09
C ARG B 139 -2.13 13.72 2.96
N ASP B 140 -1.10 14.55 3.03
CA ASP B 140 -1.17 15.75 3.85
C ASP B 140 -0.56 16.95 3.14
N GLY B 141 -0.94 17.15 1.89
CA GLY B 141 -0.41 18.28 1.17
C GLY B 141 0.56 17.91 0.06
N VAL B 142 0.83 18.89 -0.80
CA VAL B 142 1.74 18.71 -1.93
C VAL B 142 2.84 19.76 -1.97
N ASN B 143 4.01 19.35 -2.45
CA ASN B 143 5.14 20.24 -2.61
C ASN B 143 5.97 19.69 -3.76
N TRP B 144 6.60 20.58 -4.52
CA TRP B 144 7.41 20.18 -5.66
C TRP B 144 8.33 18.99 -5.39
N GLY B 145 8.99 18.99 -4.23
CA GLY B 145 9.88 17.91 -3.89
C GLY B 145 9.10 16.61 -3.86
N ARG B 146 7.93 16.64 -3.22
CA ARG B 146 7.09 15.46 -3.14
C ARG B 146 6.62 15.05 -4.53
N ILE B 147 6.47 16.02 -5.44
CA ILE B 147 6.05 15.69 -6.79
C ILE B 147 7.21 15.02 -7.53
N VAL B 148 8.44 15.32 -7.11
CA VAL B 148 9.62 14.71 -7.71
C VAL B 148 9.76 13.28 -7.19
N ALA B 149 9.20 13.02 -6.02
CA ALA B 149 9.26 11.66 -5.47
C ALA B 149 8.29 10.84 -6.30
N PHE B 150 7.21 11.48 -6.73
CA PHE B 150 6.19 10.86 -7.56
C PHE B 150 6.80 10.27 -8.83
N PHE B 151 7.53 11.09 -9.59
CA PHE B 151 8.16 10.64 -10.82
C PHE B 151 9.21 9.56 -10.62
N GLU B 152 10.14 9.78 -9.71
CA GLU B 152 11.17 8.78 -9.44
C GLU B 152 10.54 7.45 -9.06
N PHE B 153 9.45 7.51 -8.30
CA PHE B 153 8.79 6.28 -7.91
C PHE B 153 8.26 5.60 -9.16
N GLY B 154 7.56 6.36 -9.99
CA GLY B 154 7.02 5.82 -11.22
C GLY B 154 8.12 5.31 -12.13
N GLY B 155 9.22 6.04 -12.17
CA GLY B 155 10.34 5.64 -13.00
C GLY B 155 10.91 4.32 -12.53
N VAL B 156 11.14 4.21 -11.22
CA VAL B 156 11.69 3.00 -10.61
C VAL B 156 10.73 1.86 -10.82
N MET B 157 9.46 2.21 -10.80
CA MET B 157 8.39 1.25 -11.00
C MET B 157 8.56 0.62 -12.38
N CYS B 158 8.78 1.47 -13.38
CA CYS B 158 8.95 1.03 -14.76
C CYS B 158 10.17 0.14 -14.95
N VAL B 159 11.29 0.57 -14.40
CA VAL B 159 12.55 -0.14 -14.49
C VAL B 159 12.43 -1.53 -13.92
N GLU B 160 11.88 -1.64 -12.71
CA GLU B 160 11.71 -2.94 -12.08
C GLU B 160 10.71 -3.82 -12.81
N SER B 161 9.89 -3.23 -13.66
CA SER B 161 8.94 -4.02 -14.43
C SER B 161 9.78 -4.70 -15.49
N VAL B 162 10.65 -3.94 -16.13
CA VAL B 162 11.53 -4.50 -17.15
C VAL B 162 12.52 -5.50 -16.54
N ASN B 163 12.94 -5.25 -15.31
CA ASN B 163 13.87 -6.13 -14.63
C ASN B 163 13.24 -7.46 -14.30
N ARG B 164 11.97 -7.43 -13.96
CA ARG B 164 11.26 -8.64 -13.57
C ARG B 164 10.47 -9.31 -14.66
N GLU B 165 10.71 -8.94 -15.91
CA GLU B 165 9.97 -9.55 -17.02
C GLU B 165 8.49 -9.19 -17.00
N MET B 166 8.22 -7.88 -17.07
CA MET B 166 6.88 -7.32 -17.06
C MET B 166 7.01 -5.96 -17.73
N SER B 167 7.77 -5.94 -18.82
CA SER B 167 8.01 -4.72 -19.58
C SER B 167 6.76 -4.00 -20.05
N PRO B 168 5.75 -4.75 -20.54
CA PRO B 168 4.50 -4.14 -21.02
C PRO B 168 3.82 -3.26 -19.96
N LEU B 169 4.14 -3.49 -18.69
CA LEU B 169 3.58 -2.71 -17.60
C LEU B 169 4.07 -1.27 -17.65
N VAL B 170 5.17 -1.03 -18.34
CA VAL B 170 5.68 0.32 -18.45
C VAL B 170 4.60 1.27 -19.02
N ASP B 171 3.87 0.82 -20.02
CA ASP B 171 2.83 1.63 -20.66
C ASP B 171 1.68 1.96 -19.73
N ASN B 172 1.35 1.01 -18.88
CA ASN B 172 0.27 1.20 -17.94
C ASN B 172 0.71 2.22 -16.88
N ILE B 173 1.86 1.99 -16.30
CA ILE B 173 2.42 2.86 -15.28
C ILE B 173 2.47 4.31 -15.78
N ALA B 174 2.87 4.48 -17.03
CA ALA B 174 2.96 5.81 -17.63
C ALA B 174 1.53 6.36 -17.67
N LEU B 175 0.54 5.46 -17.70
CA LEU B 175 -0.84 5.88 -17.73
C LEU B 175 -1.31 6.28 -16.33
N TRP B 176 -1.14 5.37 -15.37
CA TRP B 176 -1.56 5.63 -14.01
C TRP B 176 -0.90 6.88 -13.54
N MET B 177 0.33 7.10 -14.01
CA MET B 177 1.05 8.30 -13.64
C MET B 177 0.35 9.52 -14.23
N THR B 178 0.21 9.55 -15.56
CA THR B 178 -0.42 10.64 -16.27
C THR B 178 -1.79 10.97 -15.66
N GLU B 179 -2.65 9.96 -15.59
CA GLU B 179 -3.97 10.14 -15.01
C GLU B 179 -3.84 10.84 -13.67
N TYR B 180 -2.99 10.30 -12.81
CA TYR B 180 -2.83 10.88 -11.48
C TYR B 180 -2.50 12.36 -11.49
N LEU B 181 -1.59 12.76 -12.37
CA LEU B 181 -1.20 14.15 -12.47
C LEU B 181 -2.38 15.02 -12.85
N ASN B 182 -2.91 14.80 -14.04
CA ASN B 182 -4.05 15.58 -14.52
C ASN B 182 -5.26 15.52 -13.61
N ARG B 183 -5.41 14.42 -12.88
CA ARG B 183 -6.57 14.25 -12.02
C ARG B 183 -6.42 14.79 -10.61
N HIS B 184 -5.36 14.39 -9.93
CA HIS B 184 -5.17 14.82 -8.55
C HIS B 184 -4.02 15.79 -8.26
N LEU B 185 -3.37 16.31 -9.29
CA LEU B 185 -2.28 17.25 -9.05
C LEU B 185 -2.39 18.53 -9.85
N HIS B 186 -3.05 18.45 -11.00
CA HIS B 186 -3.21 19.60 -11.89
C HIS B 186 -3.50 20.90 -11.17
N THR B 187 -4.54 20.90 -10.35
CA THR B 187 -4.91 22.08 -9.62
C THR B 187 -3.73 22.67 -8.87
N TRP B 188 -3.34 22.03 -7.76
CA TRP B 188 -2.23 22.50 -6.96
C TRP B 188 -1.07 23.01 -7.80
N ILE B 189 -0.78 22.33 -8.90
CA ILE B 189 0.31 22.75 -9.76
C ILE B 189 0.07 24.15 -10.30
N GLN B 190 -1.17 24.43 -10.69
CA GLN B 190 -1.54 25.72 -11.23
C GLN B 190 -1.91 26.71 -10.14
N ASP B 191 -1.86 26.22 -8.91
CA ASP B 191 -2.14 27.02 -7.73
C ASP B 191 -0.79 27.64 -7.36
N ASN B 192 0.25 26.83 -7.54
CA ASN B 192 1.61 27.20 -7.22
C ASN B 192 2.40 27.70 -8.43
N GLY B 193 1.68 28.27 -9.40
CA GLY B 193 2.32 28.84 -10.58
C GLY B 193 2.66 27.92 -11.75
N GLY B 194 2.06 26.72 -11.74
CA GLY B 194 2.29 25.75 -12.79
C GLY B 194 3.68 25.14 -12.81
N TRP B 195 4.08 24.60 -13.97
CA TRP B 195 5.40 24.00 -14.12
C TRP B 195 6.54 25.01 -14.24
N ASP B 196 6.20 26.24 -14.61
CA ASP B 196 7.19 27.31 -14.75
C ASP B 196 7.84 27.63 -13.41
N ALA B 197 6.98 27.84 -12.42
CA ALA B 197 7.43 28.15 -11.07
C ALA B 197 8.50 27.15 -10.64
N PHE B 198 8.33 25.92 -11.11
CA PHE B 198 9.24 24.82 -10.80
C PHE B 198 10.58 24.93 -11.51
N VAL B 199 10.54 25.17 -12.81
CA VAL B 199 11.79 25.28 -13.55
C VAL B 199 12.60 26.42 -12.95
N GLU B 200 11.91 27.39 -12.38
CA GLU B 200 12.56 28.52 -11.77
C GLU B 200 13.04 28.13 -10.36
N LEU B 201 12.23 27.38 -9.66
CA LEU B 201 12.58 26.97 -8.31
C LEU B 201 13.85 26.14 -8.31
N TYR B 202 13.88 25.12 -9.16
CA TYR B 202 15.04 24.26 -9.23
C TYR B 202 16.18 24.90 -10.02
N GLY B 203 15.87 25.98 -10.73
CA GLY B 203 16.89 26.65 -11.51
C GLY B 203 18.25 26.71 -10.84
N PRO B 204 18.34 27.33 -9.65
CA PRO B 204 19.61 27.44 -8.90
C PRO B 204 20.21 26.13 -8.42
N SER B 205 19.64 25.00 -8.85
CA SER B 205 20.14 23.70 -8.44
C SER B 205 20.76 22.95 -9.60
N MET B 206 20.78 23.58 -10.77
CA MET B 206 21.35 22.96 -11.96
C MET B 206 22.87 23.07 -11.96
N LYS C 6 -3.83 8.66 9.83
CA LYS C 6 -3.30 7.36 10.33
C LYS C 6 -3.15 6.38 9.17
N LYS C 7 -2.51 5.23 9.41
CA LYS C 7 -2.34 4.24 8.36
C LYS C 7 -3.08 2.97 8.69
N LEU C 8 -3.94 2.53 7.79
CA LEU C 8 -4.75 1.34 8.00
C LEU C 8 -3.95 0.15 8.49
N SER C 9 -2.75 -0.02 7.95
CA SER C 9 -1.93 -1.15 8.33
C SER C 9 -1.43 -1.00 9.75
N GLU C 10 -1.09 0.23 10.14
CA GLU C 10 -0.63 0.43 11.52
C GLU C 10 -1.82 0.21 12.47
N CYS C 11 -3.00 0.70 12.09
CA CYS C 11 -4.20 0.49 12.91
C CYS C 11 -4.39 -1.04 13.09
N LEU C 12 -4.31 -1.80 11.99
CA LEU C 12 -4.47 -3.24 12.08
C LEU C 12 -3.44 -3.90 13.00
N ARG C 13 -2.20 -3.43 12.95
CA ARG C 13 -1.16 -4.02 13.78
C ARG C 13 -1.42 -3.75 15.24
N ARG C 14 -1.58 -2.49 15.60
CA ARG C 14 -1.85 -2.14 16.99
C ARG C 14 -2.95 -3.01 17.58
N ILE C 15 -4.11 -3.01 16.94
CA ILE C 15 -5.24 -3.80 17.41
C ILE C 15 -4.85 -5.26 17.35
N GLY C 16 -4.24 -5.65 16.23
CA GLY C 16 -3.82 -7.04 16.07
C GLY C 16 -2.97 -7.47 17.25
N ASP C 17 -2.04 -6.62 17.67
CA ASP C 17 -1.18 -6.96 18.80
C ASP C 17 -1.93 -6.90 20.12
N GLU C 18 -2.69 -5.83 20.32
CA GLU C 18 -3.44 -5.71 21.54
C GLU C 18 -4.22 -7.00 21.73
N LEU C 19 -4.85 -7.51 20.67
CA LEU C 19 -5.64 -8.74 20.77
C LEU C 19 -4.79 -9.97 21.09
N ASP C 20 -3.59 -10.03 20.55
CA ASP C 20 -2.72 -11.17 20.82
C ASP C 20 -2.40 -11.16 22.32
N SER C 21 -1.96 -10.01 22.81
CA SER C 21 -1.64 -9.83 24.22
C SER C 21 -2.83 -10.24 25.09
N ASN C 22 -4.01 -9.75 24.74
CA ASN C 22 -5.18 -10.06 25.54
C ASN C 22 -5.53 -11.52 25.61
N MET C 23 -5.28 -12.31 24.58
CA MET C 23 -5.62 -13.73 24.65
C MET C 23 -4.50 -14.55 25.29
N GLU C 24 -3.28 -14.03 25.26
CA GLU C 24 -2.16 -14.72 25.89
C GLU C 24 -2.38 -14.54 27.39
N LEU C 25 -2.97 -13.41 27.77
CA LEU C 25 -3.28 -13.11 29.16
C LEU C 25 -4.51 -13.90 29.59
N GLN C 26 -5.59 -13.84 28.81
CA GLN C 26 -6.78 -14.59 29.13
C GLN C 26 -6.40 -16.05 29.22
N ARG C 27 -5.30 -16.42 28.56
CA ARG C 27 -4.85 -17.81 28.61
C ARG C 27 -4.09 -18.09 29.91
N MET C 28 -3.19 -17.19 30.29
CA MET C 28 -2.42 -17.34 31.51
C MET C 28 -3.38 -17.55 32.67
N ILE C 29 -4.39 -16.69 32.72
CA ILE C 29 -5.38 -16.77 33.77
C ILE C 29 -6.01 -18.15 33.86
N ALA C 30 -6.55 -18.60 32.73
CA ALA C 30 -7.22 -19.89 32.64
C ALA C 30 -6.39 -21.11 33.04
N ASP C 31 -5.21 -20.91 33.61
CA ASP C 31 -4.37 -22.05 33.99
C ASP C 31 -4.47 -22.46 35.45
N LYS D 6 10.46 -0.08 7.53
CA LYS D 6 10.56 1.10 6.61
C LYS D 6 9.60 1.06 5.46
N LYS D 7 8.72 2.05 5.38
CA LYS D 7 7.75 2.12 4.30
C LYS D 7 8.16 2.93 3.11
N LEU D 8 8.09 2.29 1.95
CA LEU D 8 8.44 2.94 0.71
C LEU D 8 7.73 4.27 0.76
N SER D 9 6.53 4.28 1.34
CA SER D 9 5.75 5.50 1.39
C SER D 9 6.34 6.66 2.19
N GLU D 10 6.85 6.41 3.39
CA GLU D 10 7.42 7.48 4.18
C GLU D 10 8.86 7.77 3.77
N CYS D 11 9.48 6.83 3.08
CA CYS D 11 10.83 7.07 2.62
C CYS D 11 10.79 8.12 1.51
N LEU D 12 9.76 8.06 0.66
CA LEU D 12 9.60 9.01 -0.43
C LEU D 12 9.16 10.36 0.13
N ARG D 13 8.46 10.33 1.25
CA ARG D 13 7.95 11.54 1.87
C ARG D 13 9.09 12.42 2.39
N ARG D 14 10.00 11.80 3.11
CA ARG D 14 11.12 12.50 3.71
C ARG D 14 12.04 13.07 2.67
N ILE D 15 12.66 12.21 1.88
CA ILE D 15 13.56 12.65 0.82
C ILE D 15 12.76 13.66 0.00
N GLY D 16 11.47 13.36 -0.19
CA GLY D 16 10.64 14.27 -0.96
C GLY D 16 10.64 15.63 -0.33
N ASP D 17 10.51 15.67 0.99
CA ASP D 17 10.51 16.93 1.71
C ASP D 17 11.92 17.52 1.79
N GLU D 18 12.92 16.67 2.07
CA GLU D 18 14.31 17.10 2.14
C GLU D 18 14.69 17.83 0.84
N LEU D 19 14.44 17.17 -0.28
CA LEU D 19 14.74 17.70 -1.59
C LEU D 19 14.11 19.10 -1.73
N ASP D 20 12.87 19.20 -1.28
CA ASP D 20 12.13 20.46 -1.39
C ASP D 20 12.83 21.55 -0.59
N SER D 21 13.10 21.25 0.67
CA SER D 21 13.76 22.19 1.58
C SER D 21 15.07 22.69 0.95
N ASN D 22 15.80 21.80 0.30
CA ASN D 22 17.05 22.20 -0.30
C ASN D 22 16.79 23.09 -1.51
N MET D 23 15.65 22.88 -2.18
CA MET D 23 15.32 23.68 -3.35
C MET D 23 15.01 25.10 -2.88
N GLU D 24 14.39 25.20 -1.71
CA GLU D 24 14.05 26.48 -1.16
C GLU D 24 15.35 27.21 -0.82
N LEU D 25 16.19 26.55 -0.04
CA LEU D 25 17.46 27.09 0.39
C LEU D 25 18.34 27.50 -0.81
N GLN D 26 18.49 26.63 -1.80
CA GLN D 26 19.30 27.03 -2.95
C GLN D 26 18.72 28.29 -3.57
N ARG D 27 17.44 28.26 -3.91
CA ARG D 27 16.79 29.42 -4.51
C ARG D 27 17.07 30.70 -3.71
N MET D 28 16.92 30.63 -2.40
CA MET D 28 17.16 31.80 -1.52
C MET D 28 18.54 32.44 -1.78
N ILE D 29 19.57 31.62 -1.69
CA ILE D 29 20.95 32.03 -1.88
C ILE D 29 21.17 32.76 -3.21
N ALA D 30 20.54 32.29 -4.27
CA ALA D 30 20.68 32.95 -5.55
C ALA D 30 19.67 34.06 -5.69
N ASP D 31 18.91 34.32 -4.62
CA ASP D 31 17.88 35.36 -4.62
C ASP D 31 18.36 36.70 -5.17
#